data_6BXE
#
_entry.id   6BXE
#
_cell.length_a   75.511
_cell.length_b   75.511
_cell.length_c   99.307
_cell.angle_alpha   90.00
_cell.angle_beta   90.00
_cell.angle_gamma   120.00
#
_symmetry.space_group_name_H-M   'P 61'
#
loop_
_entity.id
_entity.type
_entity.pdbx_description
1 polymer 'Variable lymphocyte receptor diversity region'
2 water water
#
_entity_poly.entity_id   1
_entity_poly.type   'polypeptide(L)'
_entity_poly.pdbx_seq_one_letter_code
;GGHHHHHHGSENLYFQGACPSQCSCSGTTVDCSGKSLASVPGGIPTTTQVLYLYDNQITKLEPGVFDRLVNLQQLWLEIN
QLTSLPAGVFDNLTQLSILNMHTNQLKSIPRGAFDNLKSLTHIWLLNNPWDCACSDILYLSGWLGQHAGKEQGQAVCSGT
NTPVRAVTEASTSPSKCP
;
_entity_poly.pdbx_strand_id   A,B
#
# COMPACT_ATOMS: atom_id res chain seq x y z
N ALA A 18 10.98 -11.51 21.05
CA ALA A 18 11.51 -12.61 20.25
C ALA A 18 10.81 -12.65 18.90
N CYS A 19 11.61 -12.68 17.88
CA CYS A 19 11.14 -12.74 16.51
C CYS A 19 10.84 -14.19 16.13
N PRO A 20 9.70 -14.46 15.49
CA PRO A 20 9.46 -15.83 15.00
C PRO A 20 10.61 -16.29 14.12
N SER A 21 11.04 -17.54 14.33
CA SER A 21 12.27 -18.02 13.68
C SER A 21 12.18 -17.97 12.16
N GLN A 22 10.97 -18.13 11.61
CA GLN A 22 10.80 -18.07 10.17
C GLN A 22 10.80 -16.63 9.64
N CYS A 23 10.68 -15.63 10.51
CA CYS A 23 10.53 -14.25 10.05
C CYS A 23 11.76 -13.43 10.40
N SER A 24 11.76 -12.19 9.92
CA SER A 24 12.80 -11.20 10.19
C SER A 24 12.16 -9.98 10.83
N CYS A 25 12.75 -9.51 11.92
CA CYS A 25 12.16 -8.43 12.70
C CYS A 25 13.11 -7.25 12.84
N SER A 26 12.54 -6.06 12.77
CA SER A 26 13.28 -4.81 12.90
C SER A 26 12.33 -3.80 13.49
N GLY A 27 12.71 -3.18 14.61
CA GLY A 27 11.81 -2.23 15.25
C GLY A 27 10.48 -2.91 15.58
N THR A 28 9.38 -2.34 15.10
CA THR A 28 8.05 -2.91 15.28
C THR A 28 7.53 -3.54 13.99
N THR A 29 8.41 -3.82 13.04
CA THR A 29 8.06 -4.45 11.78
C THR A 29 8.45 -5.92 11.83
N VAL A 30 7.53 -6.80 11.45
CA VAL A 30 7.79 -8.25 11.41
C VAL A 30 7.56 -8.70 9.97
N ASP A 31 8.62 -9.20 9.33
CA ASP A 31 8.57 -9.60 7.93
C ASP A 31 8.58 -11.13 7.84
N CYS A 32 7.40 -11.70 7.58
CA CYS A 32 7.25 -13.14 7.33
C CYS A 32 6.95 -13.43 5.86
N SER A 33 7.27 -12.50 4.97
CA SER A 33 6.87 -12.65 3.57
C SER A 33 7.83 -13.57 2.81
N GLY A 34 7.30 -14.23 1.78
CA GLY A 34 8.13 -14.99 0.86
C GLY A 34 8.86 -16.16 1.48
N LYS A 35 8.26 -16.84 2.45
CA LYS A 35 8.94 -17.89 3.18
C LYS A 35 8.21 -19.23 3.08
N SER A 36 7.43 -19.42 2.03
CA SER A 36 6.74 -20.68 1.76
C SER A 36 5.92 -21.14 2.97
N LEU A 37 5.36 -20.21 3.71
CA LEU A 37 4.59 -20.54 4.90
C LEU A 37 3.22 -21.07 4.55
N ALA A 38 2.81 -22.15 5.24
CA ALA A 38 1.48 -22.69 5.09
C ALA A 38 0.51 -22.13 6.13
N SER A 39 1.02 -21.50 7.19
CA SER A 39 0.18 -20.96 8.26
C SER A 39 0.86 -19.73 8.85
N VAL A 40 0.10 -18.98 9.63
CA VAL A 40 0.64 -17.79 10.32
C VAL A 40 1.59 -18.23 11.44
N PRO A 41 2.80 -17.67 11.52
CA PRO A 41 3.71 -18.04 12.60
C PRO A 41 3.20 -17.64 13.97
N GLY A 42 3.52 -18.46 14.96
CA GLY A 42 3.24 -18.10 16.32
C GLY A 42 4.28 -17.17 16.88
N GLY A 43 3.95 -16.53 17.99
CA GLY A 43 4.90 -15.70 18.70
C GLY A 43 5.20 -14.36 18.06
N ILE A 44 4.27 -13.83 17.28
CA ILE A 44 4.44 -12.47 16.78
C ILE A 44 4.29 -11.49 17.94
N PRO A 45 5.26 -10.61 18.17
CA PRO A 45 5.22 -9.76 19.37
C PRO A 45 4.02 -8.81 19.36
N THR A 46 3.48 -8.57 20.57
CA THR A 46 2.33 -7.67 20.72
C THR A 46 2.66 -6.22 20.40
N THR A 47 3.95 -5.85 20.35
CA THR A 47 4.31 -4.48 19.96
C THR A 47 4.36 -4.28 18.45
N THR A 48 4.05 -5.32 17.66
CA THR A 48 4.18 -5.24 16.21
C THR A 48 3.21 -4.22 15.62
N GLN A 49 3.73 -3.32 14.81
CA GLN A 49 2.91 -2.35 14.09
C GLN A 49 2.71 -2.70 12.62
N VAL A 50 3.68 -3.37 11.99
CA VAL A 50 3.61 -3.75 10.58
C VAL A 50 3.88 -5.25 10.50
N LEU A 51 2.96 -6.00 9.92
CA LEU A 51 3.10 -7.46 9.77
C LEU A 51 2.99 -7.83 8.30
N TYR A 52 4.09 -8.29 7.71
CA TYR A 52 4.10 -8.76 6.33
C TYR A 52 3.94 -10.28 6.32
N LEU A 53 2.86 -10.76 5.70
CA LEU A 53 2.67 -12.21 5.49
C LEU A 53 2.48 -12.53 4.01
N TYR A 54 2.84 -11.60 3.13
CA TYR A 54 2.52 -11.75 1.72
C TYR A 54 3.43 -12.77 1.04
N ASP A 55 2.95 -13.28 -0.10
CA ASP A 55 3.68 -14.25 -0.94
C ASP A 55 4.07 -15.48 -0.13
N ASN A 56 3.05 -16.17 0.36
CA ASN A 56 3.24 -17.45 1.04
C ASN A 56 2.21 -18.41 0.46
N GLN A 57 1.95 -19.50 1.16
CA GLN A 57 0.93 -20.46 0.75
C GLN A 57 -0.03 -20.68 1.89
N ILE A 58 -0.42 -19.58 2.54
CA ILE A 58 -1.32 -19.65 3.67
C ILE A 58 -2.72 -19.90 3.13
N THR A 59 -3.36 -20.97 3.60
CA THR A 59 -4.67 -21.35 3.11
C THR A 59 -5.79 -20.96 4.05
N LYS A 60 -5.48 -20.68 5.32
CA LYS A 60 -6.52 -20.29 6.26
C LYS A 60 -5.90 -19.44 7.37
N LEU A 61 -6.77 -18.67 8.05
CA LEU A 61 -6.43 -18.01 9.30
C LEU A 61 -7.19 -18.70 10.42
N GLU A 62 -6.52 -18.99 11.52
CA GLU A 62 -7.23 -19.55 12.67
C GLU A 62 -8.06 -18.44 13.31
N PRO A 63 -9.27 -18.74 13.79
CA PRO A 63 -10.05 -17.68 14.45
C PRO A 63 -9.28 -17.08 15.62
N GLY A 64 -9.23 -15.75 15.67
CA GLY A 64 -8.57 -15.03 16.74
C GLY A 64 -7.07 -14.91 16.60
N VAL A 65 -6.49 -15.34 15.48
CA VAL A 65 -5.04 -15.43 15.36
C VAL A 65 -4.34 -14.10 15.63
N PHE A 66 -4.96 -12.96 15.25
CA PHE A 66 -4.34 -11.66 15.39
C PHE A 66 -4.78 -10.89 16.62
N ASP A 67 -5.59 -11.49 17.50
CA ASP A 67 -6.25 -10.70 18.54
C ASP A 67 -5.26 -10.04 19.49
N ARG A 68 -4.10 -10.66 19.72
CA ARG A 68 -3.15 -10.05 20.65
C ARG A 68 -2.40 -8.87 20.05
N LEU A 69 -2.48 -8.68 18.73
CA LEU A 69 -1.71 -7.63 18.05
C LEU A 69 -2.48 -6.31 18.03
N VAL A 70 -2.77 -5.81 19.24
CA VAL A 70 -3.62 -4.64 19.38
C VAL A 70 -2.99 -3.37 18.83
N ASN A 71 -1.69 -3.38 18.60
CA ASN A 71 -0.99 -2.22 18.06
C ASN A 71 -0.82 -2.30 16.56
N LEU A 72 -1.37 -3.33 15.93
CA LEU A 72 -1.12 -3.51 14.50
C LEU A 72 -1.76 -2.41 13.68
N GLN A 73 -0.95 -1.77 12.82
CA GLN A 73 -1.44 -0.78 11.89
C GLN A 73 -1.48 -1.30 10.46
N GLN A 74 -0.70 -2.34 10.13
CA GLN A 74 -0.68 -2.85 8.77
C GLN A 74 -0.66 -4.36 8.77
N LEU A 75 -1.46 -4.95 7.89
CA LEU A 75 -1.51 -6.39 7.71
C LEU A 75 -1.45 -6.67 6.21
N TRP A 76 -0.38 -7.32 5.77
CA TRP A 76 -0.12 -7.59 4.36
C TRP A 76 -0.31 -9.09 4.15
N LEU A 77 -1.46 -9.47 3.57
CA LEU A 77 -1.83 -10.87 3.35
C LEU A 77 -1.89 -11.23 1.87
N GLU A 78 -1.47 -10.33 0.98
CA GLU A 78 -1.67 -10.56 -0.43
C GLU A 78 -0.78 -11.71 -0.94
N ILE A 79 -1.23 -12.32 -2.05
CA ILE A 79 -0.52 -13.43 -2.68
C ILE A 79 -0.44 -14.60 -1.71
N ASN A 80 -1.59 -15.14 -1.35
CA ASN A 80 -1.70 -16.36 -0.56
C ASN A 80 -2.82 -17.17 -1.20
N GLN A 81 -3.36 -18.13 -0.46
CA GLN A 81 -4.40 -19.00 -0.97
C GLN A 81 -5.60 -19.01 -0.03
N LEU A 82 -5.91 -17.86 0.58
CA LEU A 82 -7.00 -17.79 1.54
C LEU A 82 -8.33 -17.98 0.83
N THR A 83 -9.16 -18.91 1.32
CA THR A 83 -10.48 -19.11 0.73
C THR A 83 -11.60 -18.49 1.54
N SER A 84 -11.34 -18.06 2.78
CA SER A 84 -12.31 -17.33 3.58
C SER A 84 -11.56 -16.67 4.73
N LEU A 85 -12.26 -15.78 5.42
CA LEU A 85 -11.75 -15.16 6.62
C LEU A 85 -12.65 -15.55 7.78
N PRO A 86 -12.10 -15.84 8.95
CA PRO A 86 -12.97 -16.11 10.12
C PRO A 86 -13.73 -14.88 10.54
N ALA A 87 -14.95 -15.09 11.01
CA ALA A 87 -15.70 -13.98 11.58
C ALA A 87 -14.89 -13.34 12.68
N GLY A 88 -14.90 -12.00 12.72
CA GLY A 88 -14.26 -11.26 13.79
C GLY A 88 -12.75 -11.18 13.74
N VAL A 89 -12.13 -11.66 12.66
CA VAL A 89 -10.68 -11.82 12.69
C VAL A 89 -9.95 -10.48 12.84
N PHE A 90 -10.57 -9.37 12.41
CA PHE A 90 -9.93 -8.06 12.53
C PHE A 90 -10.47 -7.23 13.68
N ASP A 91 -11.39 -7.78 14.50
CA ASP A 91 -12.18 -6.95 15.40
C ASP A 91 -11.32 -6.24 16.44
N ASN A 92 -10.21 -6.85 16.85
CA ASN A 92 -9.40 -6.26 17.90
C ASN A 92 -8.29 -5.38 17.33
N LEU A 93 -8.20 -5.25 16.01
CA LEU A 93 -7.14 -4.49 15.37
C LEU A 93 -7.60 -3.06 15.10
N THR A 94 -7.94 -2.36 16.19
CA THR A 94 -8.60 -1.06 16.02
C THR A 94 -7.69 0.02 15.42
N GLN A 95 -6.37 -0.16 15.41
CA GLN A 95 -5.50 0.83 14.79
C GLN A 95 -5.20 0.51 13.34
N LEU A 96 -5.84 -0.51 12.77
CA LEU A 96 -5.45 -0.96 11.43
C LEU A 96 -5.79 0.11 10.39
N SER A 97 -4.76 0.55 9.64
CA SER A 97 -4.95 1.49 8.54
C SER A 97 -4.72 0.86 7.18
N ILE A 98 -3.86 -0.17 7.10
CA ILE A 98 -3.46 -0.80 5.85
C ILE A 98 -3.84 -2.28 5.91
N LEU A 99 -4.69 -2.73 4.97
CA LEU A 99 -5.10 -4.14 4.91
C LEU A 99 -5.00 -4.58 3.46
N ASN A 100 -4.03 -5.43 3.16
CA ASN A 100 -3.76 -5.82 1.77
C ASN A 100 -4.09 -7.29 1.64
N MET A 101 -5.14 -7.60 0.85
CA MET A 101 -5.56 -8.99 0.67
C MET A 101 -5.68 -9.37 -0.80
N HIS A 102 -5.02 -8.64 -1.70
CA HIS A 102 -5.20 -8.98 -3.11
C HIS A 102 -4.51 -10.31 -3.43
N THR A 103 -4.94 -10.91 -4.55
CA THR A 103 -4.41 -12.19 -5.03
C THR A 103 -4.54 -13.27 -3.96
N ASN A 104 -5.80 -13.57 -3.64
CA ASN A 104 -6.13 -14.69 -2.78
C ASN A 104 -7.29 -15.42 -3.43
N GLN A 105 -7.96 -16.30 -2.69
CA GLN A 105 -9.08 -17.08 -3.22
C GLN A 105 -10.39 -16.74 -2.52
N LEU A 106 -10.54 -15.51 -2.06
CA LEU A 106 -11.70 -15.12 -1.28
C LEU A 106 -12.94 -14.98 -2.16
N LYS A 107 -14.06 -15.51 -1.66
CA LYS A 107 -15.34 -15.37 -2.34
C LYS A 107 -16.24 -14.32 -1.71
N SER A 108 -16.03 -13.99 -0.44
CA SER A 108 -16.82 -12.98 0.24
C SER A 108 -16.07 -12.53 1.48
N ILE A 109 -16.62 -11.51 2.15
CA ILE A 109 -16.09 -10.98 3.39
C ILE A 109 -17.15 -11.22 4.46
N PRO A 110 -16.80 -11.76 5.62
CA PRO A 110 -17.82 -12.00 6.65
C PRO A 110 -18.52 -10.72 7.04
N ARG A 111 -19.82 -10.82 7.30
CA ARG A 111 -20.60 -9.63 7.58
C ARG A 111 -20.02 -8.88 8.78
N GLY A 112 -19.84 -7.56 8.62
CA GLY A 112 -19.33 -6.75 9.70
C GLY A 112 -17.83 -6.83 9.94
N ALA A 113 -17.08 -7.45 9.03
CA ALA A 113 -15.66 -7.71 9.28
C ALA A 113 -14.87 -6.44 9.55
N PHE A 114 -15.28 -5.33 8.94
CA PHE A 114 -14.56 -4.07 9.01
C PHE A 114 -15.19 -3.09 10.00
N ASP A 115 -16.19 -3.53 10.79
CA ASP A 115 -16.96 -2.58 11.59
C ASP A 115 -16.08 -1.76 12.53
N ASN A 116 -15.09 -2.38 13.15
CA ASN A 116 -14.30 -1.71 14.16
C ASN A 116 -13.13 -0.93 13.57
N LEU A 117 -12.96 -0.99 12.24
CA LEU A 117 -11.73 -0.49 11.62
C LEU A 117 -11.86 0.97 11.17
N LYS A 118 -12.08 1.85 12.14
CA LYS A 118 -12.30 3.27 11.83
C LYS A 118 -11.05 3.98 11.35
N SER A 119 -9.88 3.40 11.51
CA SER A 119 -8.65 4.00 11.00
C SER A 119 -8.25 3.44 9.66
N LEU A 120 -9.04 2.55 9.08
CA LEU A 120 -8.68 1.95 7.81
C LEU A 120 -8.69 3.01 6.71
N THR A 121 -7.61 3.09 5.94
CA THR A 121 -7.53 4.03 4.82
C THR A 121 -7.16 3.39 3.50
N HIS A 122 -6.52 2.23 3.52
CA HIS A 122 -6.11 1.55 2.30
C HIS A 122 -6.51 0.08 2.43
N ILE A 123 -7.33 -0.41 1.51
CA ILE A 123 -7.66 -1.83 1.50
C ILE A 123 -7.55 -2.33 0.07
N TRP A 124 -6.90 -3.48 -0.11
CA TRP A 124 -6.75 -4.10 -1.43
C TRP A 124 -7.58 -5.38 -1.46
N LEU A 125 -8.46 -5.49 -2.45
CA LEU A 125 -9.34 -6.65 -2.58
C LEU A 125 -9.32 -7.28 -3.96
N LEU A 126 -8.67 -6.64 -4.94
CA LEU A 126 -8.64 -7.15 -6.31
C LEU A 126 -7.94 -8.51 -6.37
N ASN A 127 -8.06 -9.14 -7.53
CA ASN A 127 -7.50 -10.47 -7.78
C ASN A 127 -7.98 -11.47 -6.72
N ASN A 128 -9.26 -11.43 -6.41
CA ASN A 128 -9.97 -12.47 -5.68
C ASN A 128 -11.19 -12.88 -6.48
N PRO A 129 -11.59 -14.15 -6.41
CA PRO A 129 -12.76 -14.63 -7.16
C PRO A 129 -14.07 -14.36 -6.43
N TRP A 130 -14.38 -13.07 -6.25
CA TRP A 130 -15.58 -12.65 -5.52
C TRP A 130 -16.83 -13.27 -6.12
N ASP A 131 -17.64 -13.88 -5.27
CA ASP A 131 -18.80 -14.64 -5.71
C ASP A 131 -20.02 -13.74 -5.57
N CYS A 132 -20.29 -12.95 -6.61
CA CYS A 132 -21.32 -11.93 -6.51
C CYS A 132 -22.73 -12.46 -6.77
N ALA A 133 -22.86 -13.71 -7.24
CA ALA A 133 -24.18 -14.31 -7.37
C ALA A 133 -24.76 -14.63 -6.00
N CYS A 134 -23.89 -14.92 -5.04
CA CYS A 134 -24.28 -15.26 -3.68
C CYS A 134 -24.52 -14.02 -2.83
N SER A 135 -25.61 -14.02 -2.07
CA SER A 135 -25.98 -12.83 -1.31
C SER A 135 -25.01 -12.49 -0.18
N ASP A 136 -24.10 -13.40 0.21
CA ASP A 136 -23.09 -13.02 1.19
C ASP A 136 -22.19 -11.89 0.69
N ILE A 137 -22.17 -11.62 -0.62
CA ILE A 137 -21.33 -10.54 -1.14
C ILE A 137 -21.83 -9.18 -0.69
N LEU A 138 -23.07 -9.10 -0.20
CA LEU A 138 -23.72 -7.81 -0.01
C LEU A 138 -23.06 -6.97 1.08
N TYR A 139 -22.46 -7.60 2.09
CA TYR A 139 -21.72 -6.80 3.07
C TYR A 139 -20.57 -6.05 2.40
N LEU A 140 -19.74 -6.75 1.64
CA LEU A 140 -18.60 -6.11 1.00
C LEU A 140 -19.08 -5.05 -0.01
N SER A 141 -20.08 -5.40 -0.83
CA SER A 141 -20.51 -4.44 -1.85
C SER A 141 -21.09 -3.19 -1.21
N GLY A 142 -21.86 -3.35 -0.13
CA GLY A 142 -22.39 -2.18 0.56
C GLY A 142 -21.31 -1.36 1.23
N TRP A 143 -20.34 -2.04 1.85
CA TRP A 143 -19.24 -1.34 2.51
C TRP A 143 -18.41 -0.54 1.51
N LEU A 144 -18.14 -1.13 0.34
CA LEU A 144 -17.39 -0.41 -0.70
C LEU A 144 -18.16 0.83 -1.16
N GLY A 145 -19.48 0.72 -1.26
CA GLY A 145 -20.27 1.87 -1.66
C GLY A 145 -20.20 3.02 -0.66
N GLN A 146 -19.97 2.70 0.61
CA GLN A 146 -19.93 3.72 1.65
C GLN A 146 -18.52 4.23 1.96
N HIS A 147 -17.48 3.51 1.55
CA HIS A 147 -16.09 3.85 1.83
C HIS A 147 -15.26 3.84 0.56
N ALA A 148 -15.75 4.56 -0.45
CA ALA A 148 -15.22 4.41 -1.81
C ALA A 148 -13.72 4.74 -1.89
N GLY A 149 -13.28 5.81 -1.24
CA GLY A 149 -11.88 6.20 -1.30
C GLY A 149 -10.91 5.21 -0.68
N LYS A 150 -11.39 4.24 0.08
CA LYS A 150 -10.43 3.37 0.77
C LYS A 150 -9.90 2.26 -0.13
N GLU A 151 -10.66 1.86 -1.15
CA GLU A 151 -10.24 0.71 -1.94
C GLU A 151 -9.11 1.12 -2.86
N GLN A 152 -8.06 0.29 -2.89
CA GLN A 152 -6.91 0.48 -3.78
C GLN A 152 -7.09 -0.48 -4.94
N GLY A 153 -7.21 0.06 -6.15
CA GLY A 153 -7.65 -0.80 -7.23
C GLY A 153 -9.14 -1.09 -7.12
N GLN A 154 -9.61 -2.04 -7.94
CA GLN A 154 -11.03 -2.32 -8.04
C GLN A 154 -11.32 -3.82 -8.02
N ALA A 155 -11.89 -4.32 -6.93
CA ALA A 155 -12.34 -5.71 -6.91
C ALA A 155 -13.48 -5.92 -7.90
N VAL A 156 -13.45 -7.04 -8.61
CA VAL A 156 -14.42 -7.34 -9.67
C VAL A 156 -15.07 -8.69 -9.36
N CYS A 157 -16.34 -8.81 -9.75
CA CYS A 157 -17.07 -10.06 -9.59
C CYS A 157 -16.49 -11.14 -10.49
N SER A 158 -16.36 -12.34 -9.93
CA SER A 158 -15.80 -13.46 -10.68
C SER A 158 -16.66 -13.73 -11.92
N GLY A 159 -15.99 -13.83 -13.07
CA GLY A 159 -16.71 -14.18 -14.28
C GLY A 159 -17.46 -13.05 -14.96
N THR A 160 -17.35 -11.80 -14.47
CA THR A 160 -18.10 -10.69 -15.05
C THR A 160 -17.21 -9.45 -15.14
N ASN A 161 -17.81 -8.37 -15.66
CA ASN A 161 -17.17 -7.07 -15.77
C ASN A 161 -17.56 -6.14 -14.64
N THR A 162 -18.28 -6.68 -13.65
CA THR A 162 -18.98 -5.85 -12.67
C THR A 162 -18.08 -5.61 -11.46
N PRO A 163 -17.74 -4.36 -11.14
CA PRO A 163 -17.02 -4.11 -9.88
C PRO A 163 -17.87 -4.59 -8.71
N VAL A 164 -17.21 -5.15 -7.69
CA VAL A 164 -17.98 -5.64 -6.54
C VAL A 164 -18.85 -4.52 -5.96
N ARG A 165 -18.33 -3.29 -5.95
CA ARG A 165 -19.09 -2.15 -5.43
C ARG A 165 -20.34 -1.85 -6.26
N ALA A 166 -20.38 -2.33 -7.50
CA ALA A 166 -21.47 -2.04 -8.43
C ALA A 166 -22.53 -3.12 -8.46
N VAL A 167 -22.44 -4.10 -7.55
CA VAL A 167 -23.39 -5.21 -7.55
C VAL A 167 -24.76 -4.67 -7.21
N THR A 168 -25.77 -5.08 -7.97
CA THR A 168 -27.14 -4.72 -7.62
C THR A 168 -27.71 -5.81 -6.71
N GLU A 169 -28.50 -5.38 -5.73
CA GLU A 169 -29.07 -6.33 -4.78
C GLU A 169 -29.98 -7.34 -5.47
N ALA A 170 -30.68 -6.91 -6.53
CA ALA A 170 -31.55 -7.79 -7.29
C ALA A 170 -30.79 -8.95 -7.91
N SER A 171 -29.55 -8.72 -8.34
CA SER A 171 -28.76 -9.74 -9.02
C SER A 171 -28.31 -10.88 -8.10
N THR A 172 -28.39 -10.70 -6.78
CA THR A 172 -27.89 -11.71 -5.87
C THR A 172 -29.01 -12.64 -5.41
N SER A 173 -28.60 -13.77 -4.83
CA SER A 173 -29.56 -14.75 -4.34
C SER A 173 -28.93 -15.56 -3.22
N PRO A 174 -29.68 -15.88 -2.17
CA PRO A 174 -29.12 -16.74 -1.12
C PRO A 174 -28.93 -18.18 -1.55
N SER A 175 -29.66 -18.63 -2.57
CA SER A 175 -29.57 -20.01 -3.02
C SER A 175 -28.32 -20.29 -3.84
N LYS A 176 -27.65 -19.24 -4.33
CA LYS A 176 -26.43 -19.41 -5.11
C LYS A 176 -25.18 -19.35 -4.23
N CYS A 177 -25.26 -19.79 -3.00
CA CYS A 177 -24.14 -19.76 -2.08
C CYS A 177 -23.67 -21.18 -1.77
N PRO A 178 -22.37 -21.39 -1.53
CA PRO A 178 -21.85 -22.73 -1.30
C PRO A 178 -22.05 -23.22 0.13
N TYR B 14 4.12 5.08 23.49
CA TYR B 14 5.31 4.26 23.33
C TYR B 14 6.23 4.83 22.25
N PHE B 15 6.16 6.14 22.03
CA PHE B 15 6.90 6.82 20.98
C PHE B 15 8.03 7.65 21.57
N GLN B 16 9.22 7.55 20.98
CA GLN B 16 10.40 8.25 21.46
C GLN B 16 10.65 9.53 20.65
N GLY B 17 11.17 10.55 21.32
CA GLY B 17 11.45 11.80 20.66
C GLY B 17 10.22 12.68 20.56
N ALA B 18 10.34 13.74 19.76
CA ALA B 18 9.28 14.73 19.65
C ALA B 18 8.41 14.45 18.43
N CYS B 19 7.11 14.30 18.66
CA CYS B 19 6.19 14.12 17.56
C CYS B 19 5.85 15.48 16.96
N PRO B 20 5.92 15.67 15.65
CA PRO B 20 5.49 16.95 15.07
C PRO B 20 4.06 17.26 15.48
N SER B 21 3.82 18.52 15.87
CA SER B 21 2.55 18.88 16.49
C SER B 21 1.37 18.58 15.58
N GLN B 22 1.58 18.64 14.26
CA GLN B 22 0.52 18.35 13.31
C GLN B 22 0.25 16.86 13.14
N CYS B 23 1.11 15.99 13.65
CA CYS B 23 1.01 14.55 13.39
C CYS B 23 0.65 13.78 14.66
N SER B 24 0.40 12.49 14.46
CA SER B 24 0.12 11.55 15.54
C SER B 24 1.17 10.46 15.50
N CYS B 25 1.81 10.21 16.64
CA CYS B 25 2.93 9.27 16.67
C CYS B 25 2.66 8.16 17.66
N SER B 26 3.07 6.96 17.29
CA SER B 26 2.88 5.77 18.11
C SER B 26 3.98 4.79 17.74
N GLY B 27 4.66 4.22 18.73
CA GLY B 27 5.72 3.27 18.39
C GLY B 27 6.79 3.94 17.55
N THR B 28 7.06 3.39 16.36
CA THR B 28 7.99 4.00 15.41
C THR B 28 7.26 4.59 14.20
N THR B 29 5.95 4.81 14.32
CA THR B 29 5.16 5.36 13.23
C THR B 29 4.87 6.84 13.46
N VAL B 30 5.03 7.63 12.39
CA VAL B 30 4.68 9.04 12.42
C VAL B 30 3.58 9.23 11.38
N ASP B 31 2.36 9.54 11.84
CA ASP B 31 1.22 9.66 10.95
C ASP B 31 0.86 11.13 10.80
N CYS B 32 1.26 11.70 9.66
CA CYS B 32 0.91 13.06 9.30
C CYS B 32 -0.13 13.10 8.18
N SER B 33 -0.89 12.03 8.01
CA SER B 33 -1.82 11.94 6.89
C SER B 33 -3.13 12.68 7.18
N GLY B 34 -3.76 13.16 6.11
CA GLY B 34 -5.10 13.75 6.19
C GLY B 34 -5.18 15.01 7.01
N LYS B 35 -4.13 15.83 7.00
CA LYS B 35 -4.06 17.01 7.85
C LYS B 35 -3.84 18.29 7.07
N SER B 36 -4.24 18.30 5.80
CA SER B 36 -4.20 19.49 4.94
C SER B 36 -2.83 20.17 4.95
N LEU B 37 -1.77 19.39 5.08
CA LEU B 37 -0.43 19.95 5.17
C LEU B 37 0.04 20.45 3.81
N ALA B 38 0.70 21.60 3.81
CA ALA B 38 1.32 22.14 2.61
C ALA B 38 2.78 21.75 2.47
N SER B 39 3.42 21.28 3.53
CA SER B 39 4.83 20.91 3.47
C SER B 39 5.11 19.78 4.45
N VAL B 40 6.24 19.13 4.28
CA VAL B 40 6.63 18.07 5.22
C VAL B 40 6.97 18.69 6.57
N PRO B 41 6.41 18.18 7.67
CA PRO B 41 6.74 18.74 8.99
C PRO B 41 8.21 18.57 9.32
N GLY B 42 8.74 19.55 10.05
CA GLY B 42 10.09 19.44 10.54
C GLY B 42 10.16 18.58 11.79
N GLY B 43 11.39 18.15 12.11
CA GLY B 43 11.61 17.45 13.35
C GLY B 43 11.08 16.03 13.42
N ILE B 44 10.93 15.36 12.28
CA ILE B 44 10.53 13.95 12.29
C ILE B 44 11.67 13.15 12.89
N PRO B 45 11.41 12.37 13.95
CA PRO B 45 12.52 11.72 14.66
C PRO B 45 13.29 10.74 13.80
N THR B 46 14.60 10.66 14.05
CA THR B 46 15.47 9.76 13.30
C THR B 46 15.11 8.29 13.54
N THR B 47 14.36 8.00 14.61
CA THR B 47 13.92 6.66 14.93
C THR B 47 12.67 6.24 14.15
N THR B 48 12.14 7.10 13.28
CA THR B 48 10.92 6.81 12.55
C THR B 48 11.14 5.66 11.56
N GLN B 49 10.26 4.65 11.61
CA GLN B 49 10.27 3.56 10.62
C GLN B 49 9.21 3.69 9.55
N VAL B 50 8.05 4.25 9.89
CA VAL B 50 6.96 4.42 8.93
C VAL B 50 6.54 5.87 8.97
N LEU B 51 6.55 6.54 7.81
CA LEU B 51 6.15 7.95 7.73
C LEU B 51 4.96 8.06 6.78
N TYR B 52 3.80 8.39 7.31
CA TYR B 52 2.60 8.61 6.52
C TYR B 52 2.48 10.12 6.25
N LEU B 53 2.56 10.50 4.98
CA LEU B 53 2.30 11.86 4.56
C LEU B 53 1.16 11.92 3.55
N TYR B 54 0.39 10.84 3.42
CA TYR B 54 -0.60 10.75 2.37
C TYR B 54 -1.80 11.63 2.66
N ASP B 55 -2.54 11.96 1.60
CA ASP B 55 -3.76 12.75 1.69
C ASP B 55 -3.47 14.08 2.37
N ASN B 56 -2.59 14.86 1.76
CA ASN B 56 -2.31 16.23 2.18
C ASN B 56 -2.29 17.09 0.92
N GLN B 57 -1.69 18.28 1.03
CA GLN B 57 -1.57 19.19 -0.12
C GLN B 57 -0.12 19.61 -0.32
N ILE B 58 0.80 18.67 -0.16
CA ILE B 58 2.23 18.95 -0.25
C ILE B 58 2.61 19.13 -1.71
N THR B 59 3.25 20.27 -2.03
CA THR B 59 3.62 20.60 -3.41
C THR B 59 5.08 20.40 -3.73
N LYS B 60 5.95 20.33 -2.72
CA LYS B 60 7.38 20.14 -2.96
C LYS B 60 7.99 19.42 -1.77
N LEU B 61 9.13 18.78 -2.03
CA LEU B 61 10.00 18.25 -0.99
C LEU B 61 11.26 19.10 -0.97
N GLU B 62 11.70 19.50 0.22
CA GLU B 62 12.95 20.23 0.33
C GLU B 62 14.13 19.29 0.11
N PRO B 63 15.18 19.75 -0.57
CA PRO B 63 16.37 18.88 -0.73
C PRO B 63 16.90 18.44 0.63
N GLY B 64 17.15 17.14 0.76
CA GLY B 64 17.69 16.59 1.98
C GLY B 64 16.69 16.34 3.08
N VAL B 65 15.39 16.54 2.83
CA VAL B 65 14.37 16.45 3.89
C VAL B 65 14.40 15.10 4.60
N PHE B 66 14.72 14.02 3.89
CA PHE B 66 14.68 12.69 4.48
C PHE B 66 16.05 12.16 4.89
N ASP B 67 17.12 12.95 4.76
CA ASP B 67 18.46 12.41 4.89
C ASP B 67 18.76 11.87 6.29
N ARG B 68 18.12 12.42 7.32
CA ARG B 68 18.35 11.95 8.69
C ARG B 68 17.55 10.69 9.03
N LEU B 69 16.59 10.30 8.19
CA LEU B 69 15.68 9.19 8.51
C LEU B 69 16.25 7.84 8.08
N VAL B 70 17.38 7.49 8.71
CA VAL B 70 18.10 6.27 8.32
C VAL B 70 17.37 4.98 8.68
N ASN B 71 16.35 5.05 9.52
CA ASN B 71 15.57 3.88 9.91
C ASN B 71 14.28 3.75 9.12
N LEU B 72 14.04 4.65 8.17
CA LEU B 72 12.75 4.67 7.47
C LEU B 72 12.58 3.45 6.58
N GLN B 73 11.50 2.71 6.80
CA GLN B 73 11.17 1.56 5.97
C GLN B 73 10.02 1.83 5.02
N GLN B 74 9.16 2.80 5.33
CA GLN B 74 8.02 3.11 4.47
C GLN B 74 7.82 4.62 4.39
N LEU B 75 7.54 5.10 3.19
CA LEU B 75 7.28 6.51 2.93
C LEU B 75 6.02 6.61 2.06
N TRP B 76 4.95 7.18 2.61
CA TRP B 76 3.66 7.24 1.92
C TRP B 76 3.42 8.69 1.53
N LEU B 77 3.59 9.00 0.25
CA LEU B 77 3.43 10.35 -0.24
C LEU B 77 2.24 10.49 -1.17
N GLU B 78 1.40 9.46 -1.26
CA GLU B 78 0.32 9.47 -2.24
C GLU B 78 -0.77 10.50 -1.86
N ILE B 79 -1.50 10.96 -2.88
CA ILE B 79 -2.58 11.93 -2.73
C ILE B 79 -2.01 13.22 -2.17
N ASN B 80 -1.13 13.84 -2.96
CA ASN B 80 -0.56 15.13 -2.63
C ASN B 80 -0.52 15.91 -3.93
N GLN B 81 0.30 16.96 -3.99
CA GLN B 81 0.37 17.79 -5.18
C GLN B 81 1.81 17.95 -5.65
N LEU B 82 2.61 16.89 -5.51
CA LEU B 82 4.02 16.97 -5.88
C LEU B 82 4.19 17.14 -7.38
N THR B 83 4.93 18.17 -7.79
CA THR B 83 5.15 18.40 -9.21
C THR B 83 6.52 17.93 -9.68
N SER B 84 7.43 17.66 -8.76
CA SER B 84 8.73 17.09 -9.08
C SER B 84 9.37 16.64 -7.77
N LEU B 85 10.48 15.93 -7.90
CA LEU B 85 11.28 15.50 -6.77
C LEU B 85 12.66 16.12 -6.88
N PRO B 86 13.26 16.55 -5.78
CA PRO B 86 14.65 17.02 -5.83
C PRO B 86 15.59 15.87 -6.11
N ALA B 87 16.66 16.16 -6.84
CA ALA B 87 17.69 15.15 -7.03
C ALA B 87 18.24 14.68 -5.69
N GLY B 88 18.44 13.37 -5.58
CA GLY B 88 19.07 12.77 -4.42
C GLY B 88 18.19 12.66 -3.20
N VAL B 89 16.90 12.98 -3.30
CA VAL B 89 16.06 13.07 -2.11
C VAL B 89 15.90 11.72 -1.42
N PHE B 90 16.05 10.62 -2.17
CA PHE B 90 15.92 9.28 -1.59
C PHE B 90 17.27 8.61 -1.37
N ASP B 91 18.39 9.29 -1.60
CA ASP B 91 19.68 8.61 -1.68
C ASP B 91 20.09 7.93 -0.37
N ASN B 92 19.63 8.46 0.77
CA ASN B 92 19.97 7.83 2.05
C ASN B 92 18.92 6.85 2.54
N LEU B 93 17.92 6.53 1.73
CA LEU B 93 16.87 5.62 2.18
C LEU B 93 17.15 4.20 1.70
N THR B 94 18.34 3.72 2.06
CA THR B 94 18.79 2.44 1.55
C THR B 94 18.04 1.26 2.17
N GLN B 95 17.34 1.48 3.27
CA GLN B 95 16.48 0.50 3.91
C GLN B 95 15.00 0.64 3.54
N LEU B 96 14.65 1.58 2.67
CA LEU B 96 13.24 1.80 2.35
C LEU B 96 12.65 0.61 1.60
N SER B 97 11.53 0.08 2.09
CA SER B 97 10.86 -1.02 1.38
C SER B 97 9.66 -0.54 0.57
N ILE B 98 8.93 0.44 1.08
CA ILE B 98 7.66 0.88 0.52
C ILE B 98 7.78 2.35 0.15
N LEU B 99 7.49 2.68 -1.11
CA LEU B 99 7.46 4.07 -1.57
C LEU B 99 6.19 4.26 -2.37
N ASN B 100 5.27 5.07 -1.85
CA ASN B 100 3.97 5.25 -2.49
C ASN B 100 3.85 6.71 -2.94
N MET B 101 3.75 6.93 -4.26
CA MET B 101 3.62 8.29 -4.76
C MET B 101 2.44 8.45 -5.73
N HIS B 102 1.44 7.58 -5.64
CA HIS B 102 0.34 7.71 -6.60
C HIS B 102 -0.50 8.95 -6.27
N THR B 103 -1.25 9.41 -7.28
CA THR B 103 -2.11 10.60 -7.14
C THR B 103 -1.30 11.82 -6.73
N ASN B 104 -0.41 12.22 -7.64
CA ASN B 104 0.39 13.44 -7.51
C ASN B 104 0.41 14.12 -8.87
N GLN B 105 1.34 15.07 -9.05
CA GLN B 105 1.46 15.81 -10.31
C GLN B 105 2.81 15.57 -10.99
N LEU B 106 3.39 14.39 -10.77
CA LEU B 106 4.74 14.10 -11.27
C LEU B 106 4.70 13.85 -12.77
N LYS B 107 5.63 14.47 -13.51
CA LYS B 107 5.77 14.26 -14.94
C LYS B 107 6.95 13.39 -15.30
N SER B 108 7.95 13.31 -14.42
CA SER B 108 9.13 12.48 -14.64
C SER B 108 9.85 12.30 -13.30
N ILE B 109 10.89 11.49 -13.31
CA ILE B 109 11.70 11.20 -12.14
C ILE B 109 13.13 11.62 -12.46
N PRO B 110 13.81 12.38 -11.60
CA PRO B 110 15.19 12.80 -11.90
C PRO B 110 16.11 11.61 -12.05
N ARG B 111 17.09 11.74 -12.94
CA ARG B 111 17.97 10.62 -13.27
C ARG B 111 18.62 10.08 -12.01
N GLY B 112 18.57 8.76 -11.85
CA GLY B 112 19.18 8.07 -10.74
C GLY B 112 18.44 8.15 -9.42
N ALA B 113 17.22 8.69 -9.40
CA ALA B 113 16.56 8.95 -8.12
C ALA B 113 16.36 7.69 -7.29
N PHE B 114 16.18 6.54 -7.92
CA PHE B 114 15.90 5.29 -7.20
C PHE B 114 17.13 4.40 -7.06
N ASP B 115 18.30 4.87 -7.47
CA ASP B 115 19.47 4.00 -7.58
C ASP B 115 19.92 3.43 -6.24
N ASN B 116 19.76 4.19 -5.14
CA ASN B 116 20.18 3.71 -3.82
C ASN B 116 19.09 2.95 -3.08
N LEU B 117 17.92 2.74 -3.68
CA LEU B 117 16.81 2.11 -2.96
C LEU B 117 16.96 0.59 -3.02
N LYS B 118 18.05 0.12 -2.41
CA LYS B 118 18.43 -1.28 -2.52
C LYS B 118 17.49 -2.23 -1.81
N SER B 119 16.68 -1.75 -0.87
CA SER B 119 15.73 -2.60 -0.17
C SER B 119 14.31 -2.48 -0.69
N LEU B 120 14.09 -1.69 -1.72
CA LEU B 120 12.73 -1.41 -2.18
C LEU B 120 12.03 -2.68 -2.65
N THR B 121 10.80 -2.87 -2.21
CA THR B 121 10.00 -4.00 -2.66
C THR B 121 8.69 -3.57 -3.33
N HIS B 122 8.17 -2.40 -2.99
CA HIS B 122 6.88 -1.94 -3.52
C HIS B 122 6.96 -0.47 -3.86
N ILE B 123 6.61 -0.10 -5.08
CA ILE B 123 6.51 1.30 -5.46
C ILE B 123 5.22 1.54 -6.23
N TRP B 124 4.53 2.63 -5.90
CA TRP B 124 3.31 3.04 -6.58
C TRP B 124 3.55 4.37 -7.29
N LEU B 125 3.23 4.40 -8.58
CA LEU B 125 3.41 5.58 -9.41
C LEU B 125 2.14 5.97 -10.16
N LEU B 126 1.04 5.24 -9.98
CA LEU B 126 -0.21 5.45 -10.69
C LEU B 126 -0.75 6.85 -10.52
N ASN B 127 -1.66 7.24 -11.43
CA ASN B 127 -2.40 8.49 -11.36
C ASN B 127 -1.47 9.70 -11.19
N ASN B 128 -0.46 9.78 -12.05
CA ASN B 128 0.39 10.93 -12.23
C ASN B 128 0.43 11.28 -13.70
N PRO B 129 0.63 12.54 -14.05
CA PRO B 129 0.67 12.96 -15.46
C PRO B 129 2.01 12.69 -16.13
N TRP B 130 2.42 11.41 -16.17
CA TRP B 130 3.72 11.06 -16.74
C TRP B 130 3.83 11.53 -18.18
N ASP B 131 4.89 12.27 -18.47
CA ASP B 131 5.10 12.91 -19.77
C ASP B 131 6.05 12.02 -20.56
N CYS B 132 5.49 11.02 -21.25
CA CYS B 132 6.32 10.04 -21.93
C CYS B 132 6.81 10.50 -23.28
N ALA B 133 6.29 11.62 -23.79
CA ALA B 133 6.84 12.16 -25.02
C ALA B 133 8.20 12.77 -24.77
N CYS B 134 8.43 13.29 -23.57
CA CYS B 134 9.68 13.96 -23.24
C CYS B 134 10.76 12.95 -22.84
N SER B 135 11.97 13.15 -23.37
CA SER B 135 13.05 12.21 -23.13
C SER B 135 13.46 12.11 -21.66
N ASP B 136 13.04 13.08 -20.83
CA ASP B 136 13.31 12.97 -19.40
C ASP B 136 12.63 11.76 -18.77
N ILE B 137 11.63 11.17 -19.44
CA ILE B 137 10.97 10.00 -18.89
C ILE B 137 11.88 8.77 -18.89
N LEU B 138 13.00 8.81 -19.63
CA LEU B 138 13.75 7.59 -19.90
C LEU B 138 14.41 6.99 -18.67
N TYR B 139 14.80 7.80 -17.68
CA TYR B 139 15.30 7.18 -16.46
C TYR B 139 14.21 6.31 -15.84
N LEU B 140 13.02 6.88 -15.66
CA LEU B 140 11.94 6.14 -15.00
C LEU B 140 11.53 4.92 -15.82
N SER B 141 11.34 5.08 -17.12
CA SER B 141 10.89 3.94 -17.92
C SER B 141 11.94 2.83 -17.94
N GLY B 142 13.21 3.18 -18.03
CA GLY B 142 14.24 2.16 -18.00
C GLY B 142 14.34 1.49 -16.63
N TRP B 143 14.26 2.29 -15.57
CA TRP B 143 14.30 1.70 -14.23
C TRP B 143 13.08 0.82 -13.98
N LEU B 144 11.88 1.29 -14.38
CA LEU B 144 10.68 0.48 -14.18
C LEU B 144 10.73 -0.82 -14.95
N GLY B 145 11.21 -0.77 -16.20
CA GLY B 145 11.29 -2.00 -16.96
C GLY B 145 12.24 -3.00 -16.33
N GLN B 146 13.27 -2.52 -15.65
CA GLN B 146 14.27 -3.40 -15.05
C GLN B 146 13.88 -3.83 -13.65
N HIS B 147 12.98 -3.11 -13.02
CA HIS B 147 12.52 -3.43 -11.66
C HIS B 147 11.01 -3.55 -11.64
N ALA B 148 10.45 -4.12 -12.70
CA ALA B 148 9.00 -4.16 -12.91
C ALA B 148 8.30 -4.93 -11.80
N GLY B 149 8.96 -5.95 -11.25
CA GLY B 149 8.35 -6.71 -10.16
C GLY B 149 8.07 -5.87 -8.92
N LYS B 150 8.68 -4.69 -8.81
CA LYS B 150 8.43 -3.81 -7.67
C LYS B 150 7.21 -2.92 -7.89
N GLU B 151 6.82 -2.70 -9.14
CA GLU B 151 5.75 -1.74 -9.41
C GLU B 151 4.41 -2.33 -8.99
N GLN B 152 3.63 -1.53 -8.26
CA GLN B 152 2.28 -1.91 -7.85
C GLN B 152 1.31 -1.26 -8.82
N GLY B 153 0.55 -2.10 -9.55
CA GLY B 153 -0.21 -1.62 -10.69
C GLY B 153 0.73 -1.28 -11.82
N GLN B 154 0.18 -0.61 -12.84
CA GLN B 154 0.94 -0.24 -14.04
C GLN B 154 0.66 1.24 -14.30
N ALA B 155 1.62 2.11 -13.97
CA ALA B 155 1.47 3.52 -14.30
C ALA B 155 1.48 3.71 -15.80
N VAL B 156 0.66 4.64 -16.30
CA VAL B 156 0.49 4.79 -17.73
C VAL B 156 0.88 6.20 -18.14
N CYS B 157 1.33 6.31 -19.38
CA CYS B 157 1.69 7.59 -19.97
C CYS B 157 0.46 8.48 -20.12
N SER B 158 0.63 9.77 -19.83
CA SER B 158 -0.46 10.71 -19.97
C SER B 158 -0.97 10.74 -21.40
N GLY B 159 -2.29 10.63 -21.56
CA GLY B 159 -2.93 10.68 -22.84
C GLY B 159 -2.93 9.38 -23.63
N THR B 160 -2.37 8.31 -23.09
CA THR B 160 -2.31 7.05 -23.82
C THR B 160 -2.64 5.90 -22.87
N ASN B 161 -2.61 4.69 -23.41
CA ASN B 161 -2.77 3.47 -22.65
C ASN B 161 -1.43 2.78 -22.42
N THR B 162 -0.32 3.47 -22.70
CA THR B 162 0.99 2.80 -22.74
C THR B 162 1.59 2.80 -21.34
N PRO B 163 1.87 1.63 -20.76
CA PRO B 163 2.53 1.60 -19.46
C PRO B 163 3.88 2.30 -19.54
N VAL B 164 4.17 3.09 -18.50
CA VAL B 164 5.43 3.83 -18.47
C VAL B 164 6.61 2.88 -18.60
N ARG B 165 6.51 1.69 -17.99
CA ARG B 165 7.61 0.73 -18.03
C ARG B 165 7.89 0.22 -19.43
N ALA B 166 6.98 0.43 -20.40
CA ALA B 166 7.16 -0.03 -21.76
C ALA B 166 7.68 1.03 -22.72
N VAL B 167 8.01 2.23 -22.23
CA VAL B 167 8.41 3.30 -23.13
C VAL B 167 9.81 3.02 -23.67
N THR B 168 9.97 3.12 -24.99
CA THR B 168 11.27 3.05 -25.66
C THR B 168 11.78 4.44 -26.00
N GLU B 169 13.11 4.59 -26.02
CA GLU B 169 13.69 5.90 -26.30
C GLU B 169 13.28 6.41 -27.68
N ALA B 170 13.03 5.51 -28.64
CA ALA B 170 12.63 5.96 -29.98
C ALA B 170 11.37 6.80 -29.95
N SER B 171 10.42 6.44 -29.09
CA SER B 171 9.16 7.17 -28.98
C SER B 171 9.31 8.54 -28.32
N THR B 172 10.44 8.82 -27.67
CA THR B 172 10.68 10.06 -26.96
C THR B 172 11.47 11.06 -27.80
N SER B 173 11.48 12.31 -27.34
CA SER B 173 12.27 13.34 -27.99
C SER B 173 12.63 14.42 -26.97
N PRO B 174 13.86 14.94 -27.01
CA PRO B 174 14.21 16.04 -26.11
C PRO B 174 13.48 17.34 -26.43
N SER B 175 12.97 17.51 -27.64
CA SER B 175 12.30 18.75 -28.00
C SER B 175 10.91 18.86 -27.38
N LYS B 176 10.30 17.75 -26.95
CA LYS B 176 8.99 17.77 -26.33
C LYS B 176 9.04 17.89 -24.81
N CYS B 177 10.03 18.58 -24.27
CA CYS B 177 10.20 18.75 -22.83
C CYS B 177 9.99 20.21 -22.43
N PRO B 178 9.50 20.46 -21.20
CA PRO B 178 9.23 21.83 -20.75
C PRO B 178 10.48 22.57 -20.29
#